data_7NN8
#
_entry.id   7NN8
#
_cell.length_a   174.647
_cell.length_b   174.647
_cell.length_c   72.118
_cell.angle_alpha   90.000
_cell.angle_beta   90.000
_cell.angle_gamma   120.000
#
_symmetry.space_group_name_H-M   'H 3 2'
#
loop_
_entity.id
_entity.type
_entity.pdbx_description
1 polymer 'Acetylglutamate kinase'
2 non-polymer 'SULFATE ION'
3 non-polymer 1~{H}-indole-3-carbonitrile
4 non-polymer 1,2-ETHANEDIOL
5 water water
#
_entity_poly.entity_id   1
_entity_poly.type   'polypeptide(L)'
_entity_poly.pdbx_seq_one_letter_code
;GSMVSRIEALPTHIKAQVLAEALPWLKQLHGKVVVVKYGGNAMTDDTLRRAFAADMAFLRNCGIHPVVVHGGGPQITAML
RRLGIEGDFKGGFRVTTPEVLDVARMVLFGQVGRELVNLINAHGPYAVGITGEDAQLFTAVRRSVTVDGVATDIGLVGDV
DQVNTAAMLDLVAAGRIPVVSTLAPDADGVVHNINADTAAAAVAEALGAEKLLMLTDIDGLYTRWPDRDSLVSEIDTGTL
AQLLPTLESGMVPKVEACLRAVIGGVPSAHIIDGRVTHCVLVELFTDAGTGTKVVRG
;
_entity_poly.pdbx_strand_id   A
#
# COMPACT_ATOMS: atom_id res chain seq x y z
N ILE A 7 17.85 -9.51 -23.64
CA ILE A 7 16.55 -8.97 -24.02
C ILE A 7 16.54 -8.56 -25.50
N GLU A 8 17.64 -8.88 -26.20
CA GLU A 8 17.80 -8.48 -27.58
C GLU A 8 17.50 -9.59 -28.58
N ALA A 9 17.71 -10.85 -28.19
CA ALA A 9 17.41 -11.98 -29.07
C ALA A 9 15.91 -12.15 -29.33
N LEU A 10 15.08 -11.32 -28.71
CA LEU A 10 13.63 -11.41 -28.87
C LEU A 10 13.21 -10.73 -30.17
N PRO A 11 12.54 -11.45 -31.09
CA PRO A 11 12.11 -10.82 -32.34
C PRO A 11 11.27 -9.57 -32.06
N THR A 12 11.47 -8.57 -32.91
CA THR A 12 10.85 -7.28 -32.70
C THR A 12 9.35 -7.31 -32.97
N HIS A 13 8.87 -8.20 -33.84
CA HIS A 13 7.43 -8.31 -34.05
C HIS A 13 6.71 -8.79 -32.80
N ILE A 14 7.43 -9.37 -31.83
CA ILE A 14 6.84 -9.76 -30.56
C ILE A 14 6.97 -8.68 -29.48
N LYS A 15 8.07 -7.93 -29.46
CA LYS A 15 8.11 -6.72 -28.63
C LYS A 15 6.93 -5.82 -28.97
N ALA A 16 6.61 -5.71 -30.26
CA ALA A 16 5.48 -4.90 -30.71
C ALA A 16 4.18 -5.37 -30.07
N GLN A 17 3.92 -6.68 -30.09
CA GLN A 17 2.64 -7.20 -29.65
C GLN A 17 2.43 -7.01 -28.15
N VAL A 18 3.48 -7.14 -27.34
CA VAL A 18 3.25 -6.98 -25.91
C VAL A 18 2.97 -5.51 -25.59
N LEU A 19 3.61 -4.59 -26.32
CA LEU A 19 3.31 -3.17 -26.19
C LEU A 19 1.88 -2.88 -26.61
N ALA A 20 1.48 -3.40 -27.78
CA ALA A 20 0.11 -3.18 -28.25
C ALA A 20 -0.90 -3.76 -27.27
N GLU A 21 -0.56 -4.86 -26.61
CA GLU A 21 -1.49 -5.51 -25.68
C GLU A 21 -1.69 -4.73 -24.40
N ALA A 22 -0.86 -3.74 -24.12
CA ALA A 22 -1.10 -2.83 -23.00
C ALA A 22 -2.22 -1.82 -23.26
N LEU A 23 -2.63 -1.62 -24.51
CA LEU A 23 -3.49 -0.47 -24.81
C LEU A 23 -4.82 -0.48 -24.05
N PRO A 24 -5.54 -1.61 -23.92
CA PRO A 24 -6.82 -1.52 -23.21
C PRO A 24 -6.69 -1.19 -21.73
N TRP A 25 -5.54 -1.44 -21.12
CA TRP A 25 -5.40 -0.97 -19.74
C TRP A 25 -4.94 0.47 -19.67
N LEU A 26 -4.18 0.95 -20.67
CA LEU A 26 -3.91 2.38 -20.78
C LEU A 26 -5.22 3.18 -20.85
N LYS A 27 -6.17 2.75 -21.70
CA LYS A 27 -7.44 3.46 -21.80
C LYS A 27 -8.19 3.41 -20.48
N GLN A 28 -8.22 2.23 -19.84
CA GLN A 28 -9.01 2.09 -18.62
C GLN A 28 -8.48 2.99 -17.50
N LEU A 29 -7.16 3.19 -17.44
CA LEU A 29 -6.57 3.94 -16.34
C LEU A 29 -6.15 5.37 -16.69
N HIS A 30 -6.24 5.77 -17.96
CA HIS A 30 -5.87 7.15 -18.32
C HIS A 30 -6.66 8.14 -17.48
N GLY A 31 -5.95 9.06 -16.82
CA GLY A 31 -6.59 10.07 -16.00
C GLY A 31 -7.09 9.58 -14.65
N LYS A 32 -6.72 8.39 -14.23
CA LYS A 32 -7.31 7.82 -13.02
C LYS A 32 -6.29 7.67 -11.90
N VAL A 33 -6.84 7.50 -10.70
CA VAL A 33 -6.06 7.32 -9.48
C VAL A 33 -5.86 5.84 -9.23
N VAL A 34 -4.60 5.46 -8.96
CA VAL A 34 -4.20 4.12 -8.54
C VAL A 34 -3.43 4.25 -7.24
N VAL A 35 -3.96 3.70 -6.15
CA VAL A 35 -3.23 3.67 -4.88
C VAL A 35 -2.45 2.37 -4.78
N VAL A 36 -1.18 2.49 -4.42
CA VAL A 36 -0.28 1.37 -4.33
C VAL A 36 0.24 1.30 -2.90
N LYS A 37 -0.09 0.22 -2.20
CA LYS A 37 0.58 -0.11 -0.94
C LYS A 37 1.89 -0.82 -1.26
N TYR A 38 2.96 -0.27 -0.71
CA TYR A 38 4.31 -0.66 -1.02
C TYR A 38 5.03 -1.01 0.28
N GLY A 39 5.44 -2.27 0.40
CA GLY A 39 6.22 -2.73 1.53
C GLY A 39 6.89 -4.05 1.19
N GLY A 40 7.44 -4.69 2.22
CA GLY A 40 8.03 -5.99 1.97
C GLY A 40 9.31 -5.93 1.13
N ASN A 41 9.58 -7.04 0.43
CA ASN A 41 10.86 -7.20 -0.27
C ASN A 41 10.97 -6.34 -1.51
N ALA A 42 9.86 -5.83 -2.05
CA ALA A 42 9.93 -4.84 -3.12
C ALA A 42 10.51 -3.54 -2.61
N MET A 43 10.51 -3.35 -1.29
CA MET A 43 11.01 -2.15 -0.64
C MET A 43 12.39 -2.33 -0.06
N THR A 44 12.82 -3.57 0.23
CA THR A 44 14.14 -3.78 0.81
C THR A 44 15.19 -4.28 -0.17
N ASP A 45 14.81 -4.85 -1.31
CA ASP A 45 15.80 -5.24 -2.30
C ASP A 45 16.03 -4.10 -3.28
N ASP A 46 17.30 -3.82 -3.57
CA ASP A 46 17.65 -2.64 -4.34
C ASP A 46 17.12 -2.73 -5.77
N THR A 47 17.21 -3.90 -6.39
CA THR A 47 16.75 -4.02 -7.78
C THR A 47 15.25 -3.85 -7.87
N LEU A 48 14.51 -4.39 -6.90
CA LEU A 48 13.06 -4.25 -6.91
C LEU A 48 12.63 -2.83 -6.58
N ARG A 49 13.33 -2.17 -5.65
CA ARG A 49 13.11 -0.75 -5.35
C ARG A 49 13.18 0.11 -6.62
N ARG A 50 14.30 0.03 -7.36
CA ARG A 50 14.47 0.88 -8.52
C ARG A 50 13.42 0.59 -9.58
N ALA A 51 13.06 -0.68 -9.75
CA ALA A 51 11.98 -1.01 -10.67
C ALA A 51 10.65 -0.42 -10.19
N PHE A 52 10.38 -0.50 -8.89
CA PHE A 52 9.14 0.07 -8.38
C PHE A 52 9.08 1.57 -8.68
N ALA A 53 10.15 2.29 -8.35
CA ALA A 53 10.22 3.73 -8.59
C ALA A 53 10.05 4.04 -10.07
N ALA A 54 10.70 3.26 -10.93
CA ALA A 54 10.58 3.44 -12.38
C ALA A 54 9.16 3.21 -12.86
N ASP A 55 8.44 2.28 -12.23
CA ASP A 55 7.05 2.04 -12.61
C ASP A 55 6.15 3.20 -12.20
N MET A 56 6.39 3.78 -11.03
CA MET A 56 5.64 4.99 -10.67
C MET A 56 5.88 6.10 -11.69
N ALA A 57 7.12 6.28 -12.14
CA ALA A 57 7.41 7.25 -13.19
C ALA A 57 6.67 6.89 -14.49
N PHE A 58 6.59 5.60 -14.80
CA PHE A 58 5.89 5.09 -15.98
C PHE A 58 4.43 5.56 -15.96
N LEU A 59 3.66 5.06 -14.97
CA LEU A 59 2.28 5.50 -14.74
C LEU A 59 2.11 6.99 -14.97
N ARG A 60 2.97 7.78 -14.32
CA ARG A 60 2.87 9.24 -14.39
C ARG A 60 3.17 9.77 -15.79
N ASN A 61 4.01 9.08 -16.56
CA ASN A 61 4.24 9.50 -17.94
C ASN A 61 3.25 8.89 -18.93
N CYS A 62 2.28 8.12 -18.42
CA CYS A 62 1.09 7.75 -19.17
C CYS A 62 -0.15 8.57 -18.81
N GLY A 63 0.01 9.64 -18.01
CA GLY A 63 -1.15 10.36 -17.52
C GLY A 63 -2.02 9.57 -16.57
N ILE A 64 -1.44 8.62 -15.87
CA ILE A 64 -2.09 7.89 -14.78
C ILE A 64 -1.62 8.55 -13.50
N HIS A 65 -2.40 8.43 -12.42
CA HIS A 65 -2.14 9.17 -11.18
C HIS A 65 -1.87 8.25 -10.00
N PRO A 66 -0.63 7.78 -9.83
CA PRO A 66 -0.31 6.91 -8.69
C PRO A 66 -0.28 7.68 -7.38
N VAL A 67 -0.70 7.00 -6.31
CA VAL A 67 -0.53 7.43 -4.92
C VAL A 67 0.11 6.27 -4.17
N VAL A 68 1.27 6.50 -3.57
CA VAL A 68 2.01 5.45 -2.87
C VAL A 68 1.81 5.59 -1.36
N VAL A 69 1.33 4.53 -0.73
CA VAL A 69 1.30 4.40 0.73
C VAL A 69 2.33 3.36 1.13
N HIS A 70 3.24 3.72 2.04
CA HIS A 70 4.32 2.81 2.41
C HIS A 70 4.25 2.42 3.88
N GLY A 71 4.76 1.24 4.17
CA GLY A 71 4.93 0.77 5.53
C GLY A 71 6.38 0.84 5.96
N GLY A 72 6.72 0.05 6.97
CA GLY A 72 8.06 0.10 7.49
C GLY A 72 8.19 -0.44 8.90
N GLY A 73 7.37 -1.43 9.24
CA GLY A 73 7.39 -2.05 10.54
C GLY A 73 8.77 -2.45 11.02
N PRO A 74 9.48 -3.27 10.24
CA PRO A 74 10.81 -3.73 10.69
C PRO A 74 11.82 -2.62 10.91
N GLN A 75 11.74 -1.53 10.15
CA GLN A 75 12.71 -0.45 10.30
C GLN A 75 12.50 0.29 11.61
N ILE A 76 11.24 0.47 12.03
CA ILE A 76 10.93 1.04 13.34
C ILE A 76 11.54 0.17 14.45
N THR A 77 11.28 -1.14 14.42
CA THR A 77 11.84 -2.05 15.40
C THR A 77 13.35 -1.92 15.51
N ALA A 78 14.06 -1.92 14.38
CA ALA A 78 15.51 -1.80 14.45
C ALA A 78 15.92 -0.48 15.09
N MET A 79 15.25 0.63 14.75
CA MET A 79 15.62 1.91 15.34
C MET A 79 15.40 1.92 16.86
N LEU A 80 14.29 1.35 17.31
CA LEU A 80 14.01 1.27 18.74
C LEU A 80 15.10 0.50 19.46
N ARG A 81 15.59 -0.59 18.86
CA ARG A 81 16.65 -1.35 19.51
C ARG A 81 17.94 -0.55 19.51
N ARG A 82 18.25 0.14 18.40
CA ARG A 82 19.42 0.99 18.37
C ARG A 82 19.34 2.05 19.45
N LEU A 83 18.16 2.60 19.69
CA LEU A 83 18.00 3.61 20.73
C LEU A 83 17.82 3.01 22.12
N GLY A 84 17.85 1.68 22.24
CA GLY A 84 17.71 1.06 23.55
C GLY A 84 16.37 1.27 24.21
N ILE A 85 15.31 1.51 23.44
CA ILE A 85 14.00 1.79 23.99
C ILE A 85 13.28 0.45 24.19
N GLU A 86 13.12 0.02 25.44
CA GLU A 86 12.49 -1.27 25.71
C GLU A 86 10.99 -1.17 25.47
N GLY A 87 10.43 -2.22 24.89
CA GLY A 87 9.02 -2.23 24.54
C GLY A 87 8.16 -2.88 25.60
N ASP A 88 6.90 -2.47 25.63
CA ASP A 88 5.84 -3.16 26.34
C ASP A 88 4.99 -3.87 25.30
N PHE A 89 4.49 -5.05 25.64
CA PHE A 89 3.73 -5.84 24.67
C PHE A 89 2.47 -6.41 25.31
N LYS A 90 1.32 -6.03 24.77
CA LYS A 90 0.06 -6.69 25.05
C LYS A 90 -0.28 -7.57 23.85
N GLY A 91 -0.57 -8.84 24.11
CA GLY A 91 -0.71 -9.78 23.01
C GLY A 91 0.61 -9.83 22.25
N GLY A 92 0.52 -9.69 20.93
CA GLY A 92 1.73 -9.61 20.15
C GLY A 92 2.03 -8.19 19.70
N PHE A 93 1.41 -7.22 20.35
CA PHE A 93 1.44 -5.83 19.91
C PHE A 93 2.32 -5.00 20.84
N ARG A 94 3.23 -4.24 20.24
CA ARG A 94 3.98 -3.23 20.97
C ARG A 94 3.07 -2.06 21.32
N VAL A 95 3.16 -1.59 22.57
CA VAL A 95 2.44 -0.38 22.97
C VAL A 95 3.18 0.83 22.40
N THR A 96 2.49 1.67 21.63
CA THR A 96 3.24 2.81 21.12
C THR A 96 3.00 3.97 22.08
N THR A 97 3.95 4.17 22.98
CA THR A 97 4.06 5.30 23.88
C THR A 97 4.31 6.56 23.06
N PRO A 98 4.27 7.76 23.66
CA PRO A 98 4.71 8.96 22.92
C PRO A 98 6.11 8.82 22.36
N GLU A 99 7.01 8.22 23.13
CA GLU A 99 8.41 8.02 22.69
C GLU A 99 8.44 7.16 21.42
N VAL A 100 7.70 6.05 21.41
CA VAL A 100 7.73 5.11 20.25
C VAL A 100 7.18 5.82 19.01
N LEU A 101 6.16 6.65 19.19
CA LEU A 101 5.55 7.31 18.02
C LEU A 101 6.55 8.28 17.40
N ASP A 102 7.20 9.09 18.22
CA ASP A 102 8.24 10.01 17.71
C ASP A 102 9.23 9.21 16.88
N VAL A 103 9.64 8.05 17.36
CA VAL A 103 10.59 7.19 16.60
C VAL A 103 9.89 6.68 15.33
N ALA A 104 8.69 6.11 15.47
CA ALA A 104 7.97 5.64 14.30
C ALA A 104 7.88 6.74 13.24
N ARG A 105 7.46 7.93 13.68
CA ARG A 105 7.28 9.03 12.72
C ARG A 105 8.59 9.41 12.06
N MET A 106 9.68 9.49 12.84
CA MET A 106 10.93 9.93 12.23
C MET A 106 11.54 8.86 11.33
N VAL A 107 11.31 7.57 11.64
CA VAL A 107 11.74 6.50 10.73
C VAL A 107 10.88 6.47 9.47
N LEU A 108 9.55 6.51 9.62
CA LEU A 108 8.65 6.40 8.47
C LEU A 108 8.78 7.60 7.55
N PHE A 109 8.60 8.80 8.10
CA PHE A 109 8.68 10.00 7.27
C PHE A 109 10.13 10.40 6.98
N GLY A 110 11.05 10.22 7.92
CA GLY A 110 12.37 10.82 7.73
C GLY A 110 13.42 9.88 7.15
N GLN A 111 13.06 8.62 6.99
CA GLN A 111 14.01 7.65 6.43
C GLN A 111 13.37 6.85 5.31
N VAL A 112 12.32 6.11 5.60
CA VAL A 112 11.76 5.20 4.60
C VAL A 112 11.12 5.99 3.46
N GLY A 113 10.27 6.98 3.78
CA GLY A 113 9.68 7.83 2.75
C GLY A 113 10.72 8.53 1.88
N ARG A 114 11.82 9.00 2.50
CA ARG A 114 12.85 9.70 1.77
C ARG A 114 13.48 8.85 0.68
N GLU A 115 13.70 7.57 0.97
CA GLU A 115 14.35 6.71 -0.02
C GLU A 115 13.49 6.57 -1.26
N LEU A 116 12.18 6.36 -1.06
CA LEU A 116 11.30 6.22 -2.21
C LEU A 116 11.16 7.54 -2.96
N VAL A 117 11.06 8.66 -2.23
CA VAL A 117 10.99 9.97 -2.89
C VAL A 117 12.20 10.17 -3.79
N ASN A 118 13.36 9.83 -3.29
CA ASN A 118 14.57 10.02 -4.07
C ASN A 118 14.70 9.09 -5.23
N LEU A 119 14.19 7.89 -5.09
CA LEU A 119 14.28 6.92 -6.16
C LEU A 119 13.39 7.36 -7.30
N ILE A 120 12.18 7.74 -6.97
CA ILE A 120 11.24 8.17 -7.97
C ILE A 120 11.73 9.43 -8.62
N ASN A 121 12.20 10.37 -7.82
CA ASN A 121 12.67 11.63 -8.38
C ASN A 121 13.89 11.57 -9.24
N ALA A 122 14.43 10.39 -9.42
CA ALA A 122 15.56 10.23 -10.30
C ALA A 122 15.05 10.31 -11.73
N HIS A 123 13.74 10.20 -11.91
CA HIS A 123 13.10 10.24 -13.20
C HIS A 123 12.43 11.55 -13.46
N GLY A 124 12.39 12.43 -12.48
CA GLY A 124 11.75 13.71 -12.67
C GLY A 124 11.21 14.29 -11.38
N PRO A 125 10.67 15.55 -11.46
CA PRO A 125 10.17 16.09 -10.19
C PRO A 125 8.79 15.61 -9.88
N TYR A 126 8.65 14.35 -9.53
CA TYR A 126 7.34 13.80 -9.28
C TYR A 126 6.91 13.58 -7.85
N ALA A 127 7.71 12.89 -7.08
CA ALA A 127 7.35 12.56 -5.72
C ALA A 127 7.47 13.63 -4.66
N VAL A 128 6.53 13.60 -3.74
CA VAL A 128 6.52 14.51 -2.62
C VAL A 128 6.03 13.72 -1.44
N GLY A 129 6.72 13.84 -0.33
CA GLY A 129 6.35 13.12 0.84
C GLY A 129 5.39 13.84 1.73
N ILE A 130 4.54 13.09 2.39
CA ILE A 130 3.58 13.68 3.27
C ILE A 130 3.01 12.74 4.27
N THR A 131 2.53 13.30 5.36
CA THR A 131 1.73 12.60 6.34
C THR A 131 0.40 13.31 6.46
N GLY A 132 -0.51 12.72 7.25
CA GLY A 132 -1.75 13.41 7.59
C GLY A 132 -1.53 14.77 8.24
N GLU A 133 -0.37 14.97 8.88
CA GLU A 133 -0.08 16.25 9.53
C GLU A 133 -0.01 17.39 8.50
N ASP A 134 0.55 17.13 7.32
CA ASP A 134 0.78 18.18 6.35
C ASP A 134 -0.53 18.65 5.72
N ALA A 135 -0.74 19.96 5.72
CA ALA A 135 -1.96 20.57 5.17
C ALA A 135 -3.24 19.90 5.68
N GLN A 136 -3.18 19.30 6.87
CA GLN A 136 -4.33 18.58 7.44
C GLN A 136 -4.92 17.59 6.45
N LEU A 137 -4.05 16.79 5.81
CA LEU A 137 -4.54 15.96 4.71
C LEU A 137 -5.38 14.81 5.19
N PHE A 138 -5.09 14.26 6.36
CA PHE A 138 -6.03 13.30 6.92
C PHE A 138 -5.84 13.22 8.42
N THR A 139 -6.88 12.73 9.08
CA THR A 139 -6.91 12.57 10.51
C THR A 139 -6.94 11.10 10.88
N ALA A 140 -6.64 10.83 12.14
CA ALA A 140 -6.70 9.49 12.68
C ALA A 140 -7.71 9.45 13.82
N VAL A 141 -8.22 8.25 14.11
CA VAL A 141 -8.96 8.00 15.34
C VAL A 141 -8.33 6.81 16.04
N ARG A 142 -8.12 6.92 17.34
CA ARG A 142 -7.47 5.88 18.12
C ARG A 142 -8.24 4.57 18.00
N ARG A 143 -7.51 3.50 17.70
CA ARG A 143 -8.07 2.16 17.59
C ARG A 143 -7.58 1.32 18.75
N SER A 144 -8.46 0.43 19.21
CA SER A 144 -8.10 -0.62 20.14
C SER A 144 -7.90 -1.92 19.39
N VAL A 145 -7.27 -2.87 20.05
CA VAL A 145 -7.04 -4.14 19.45
C VAL A 145 -7.66 -5.24 20.27
N THR A 146 -7.90 -6.37 19.62
CA THR A 146 -8.49 -7.51 20.30
C THR A 146 -7.39 -8.51 20.58
N VAL A 147 -7.11 -8.72 21.85
CA VAL A 147 -6.08 -9.67 22.22
C VAL A 147 -6.68 -10.84 22.97
N ASP A 148 -6.89 -11.94 22.24
CA ASP A 148 -7.46 -13.17 22.79
C ASP A 148 -8.56 -12.86 23.78
N GLY A 149 -9.54 -12.10 23.34
CA GLY A 149 -10.62 -11.72 24.21
C GLY A 149 -10.67 -10.22 24.30
N VAL A 150 -10.77 -9.68 25.50
CA VAL A 150 -10.85 -8.25 25.73
C VAL A 150 -10.01 -7.39 24.77
N ALA A 151 -10.70 -6.62 23.93
CA ALA A 151 -10.02 -5.74 23.01
C ALA A 151 -9.35 -4.74 23.95
N THR A 152 -8.16 -4.28 23.61
CA THR A 152 -7.47 -3.37 24.53
C THR A 152 -6.69 -2.25 23.89
N ASP A 153 -6.22 -1.34 24.74
CA ASP A 153 -5.50 -0.17 24.26
C ASP A 153 -4.00 -0.45 24.12
N ILE A 154 -3.41 0.03 23.03
CA ILE A 154 -2.00 -0.18 22.77
C ILE A 154 -1.36 1.13 22.34
N GLY A 155 -1.83 2.23 22.91
CA GLY A 155 -1.20 3.51 22.69
C GLY A 155 -1.66 4.24 21.44
N LEU A 156 -0.77 5.08 20.89
CA LEU A 156 -1.09 6.04 19.81
C LEU A 156 -1.10 5.35 18.44
N VAL A 157 -2.07 4.47 18.28
CA VAL A 157 -2.28 3.67 17.07
C VAL A 157 -3.70 3.91 16.63
N GLY A 158 -3.88 4.17 15.34
CA GLY A 158 -5.16 4.65 14.86
C GLY A 158 -5.57 4.01 13.55
N ASP A 159 -6.73 4.43 13.11
CA ASP A 159 -7.30 4.06 11.84
C ASP A 159 -7.49 5.41 11.21
N VAL A 160 -7.53 5.48 9.90
CA VAL A 160 -7.73 6.75 9.25
C VAL A 160 -9.14 7.23 9.53
N ASP A 161 -9.28 8.51 9.86
CA ASP A 161 -10.60 9.06 10.11
C ASP A 161 -11.16 9.76 8.89
N GLN A 162 -10.83 11.02 8.70
CA GLN A 162 -11.30 11.75 7.54
C GLN A 162 -10.13 12.06 6.64
N VAL A 163 -10.40 12.19 5.35
CA VAL A 163 -9.38 12.49 4.39
C VAL A 163 -9.71 13.74 3.63
N ASN A 164 -8.76 14.65 3.50
CA ASN A 164 -9.03 15.86 2.73
C ASN A 164 -8.96 15.49 1.25
N THR A 165 -10.06 14.92 0.75
CA THR A 165 -10.11 14.46 -0.64
C THR A 165 -9.75 15.57 -1.62
N ALA A 166 -10.31 16.77 -1.42
CA ALA A 166 -10.07 17.87 -2.35
C ALA A 166 -8.59 18.24 -2.42
N ALA A 167 -7.98 18.54 -1.28
CA ALA A 167 -6.56 18.89 -1.29
C ALA A 167 -5.70 17.76 -1.88
N MET A 168 -6.04 16.51 -1.60
CA MET A 168 -5.23 15.41 -2.11
C MET A 168 -5.27 15.34 -3.64
N LEU A 169 -6.45 15.47 -4.23
CA LEU A 169 -6.57 15.40 -5.69
C LEU A 169 -6.01 16.63 -6.38
N ASP A 170 -6.10 17.81 -5.75
CA ASP A 170 -5.35 18.96 -6.25
C ASP A 170 -3.87 18.62 -6.39
N LEU A 171 -3.28 18.03 -5.34
CA LEU A 171 -1.86 17.71 -5.38
C LEU A 171 -1.54 16.70 -6.48
N VAL A 172 -2.47 15.79 -6.77
CA VAL A 172 -2.25 14.80 -7.81
C VAL A 172 -2.48 15.40 -9.19
N ALA A 173 -3.54 16.21 -9.35
CA ALA A 173 -3.80 16.87 -10.63
C ALA A 173 -2.65 17.77 -11.01
N ALA A 174 -1.99 18.37 -10.02
CA ALA A 174 -0.76 19.12 -10.26
C ALA A 174 0.38 18.25 -10.80
N GLY A 175 0.18 16.94 -10.97
CA GLY A 175 1.22 16.06 -11.47
C GLY A 175 2.16 15.47 -10.43
N ARG A 176 1.82 15.52 -9.15
CA ARG A 176 2.70 14.98 -8.15
C ARG A 176 2.36 13.57 -7.75
N ILE A 177 3.37 12.86 -7.30
CA ILE A 177 3.16 11.52 -6.81
C ILE A 177 3.31 11.58 -5.32
N PRO A 178 2.13 11.58 -4.61
CA PRO A 178 2.31 11.63 -3.17
C PRO A 178 2.85 10.33 -2.62
N VAL A 179 3.82 10.42 -1.73
CA VAL A 179 4.38 9.27 -1.09
C VAL A 179 3.96 9.46 0.33
N VAL A 180 3.01 8.68 0.77
CA VAL A 180 2.44 8.81 2.09
C VAL A 180 2.97 7.97 3.23
N SER A 181 3.31 8.64 4.31
CA SER A 181 3.76 7.99 5.53
C SER A 181 2.54 8.07 6.40
N THR A 182 2.07 6.94 6.87
CA THR A 182 0.85 6.85 7.63
C THR A 182 0.77 7.33 9.08
N LEU A 183 0.91 8.62 9.27
CA LEU A 183 0.79 9.20 10.58
C LEU A 183 -0.14 10.36 10.44
N ALA A 184 -1.01 10.57 11.40
CA ALA A 184 -1.95 11.67 11.33
C ALA A 184 -2.42 12.08 12.68
N PRO A 185 -2.83 13.32 12.81
CA PRO A 185 -3.33 13.77 14.12
C PRO A 185 -4.78 13.34 14.33
N ASP A 186 -5.14 13.15 15.60
CA ASP A 186 -6.55 12.93 15.90
C ASP A 186 -7.25 14.28 15.98
N ALA A 187 -8.52 14.28 16.38
CA ALA A 187 -9.26 15.53 16.44
C ALA A 187 -8.69 16.50 17.47
N ASP A 188 -7.75 16.07 18.32
CA ASP A 188 -7.15 16.94 19.31
C ASP A 188 -5.71 17.31 18.97
N GLY A 189 -5.26 17.01 17.76
CA GLY A 189 -3.90 17.32 17.38
C GLY A 189 -2.86 16.32 17.80
N VAL A 190 -3.25 15.18 18.36
CA VAL A 190 -2.27 14.20 18.83
C VAL A 190 -2.03 13.16 17.73
N VAL A 191 -0.77 13.04 17.31
CA VAL A 191 -0.43 12.25 16.13
C VAL A 191 -0.39 10.76 16.49
N HIS A 192 -1.04 9.95 15.65
CA HIS A 192 -1.11 8.51 15.79
C HIS A 192 -0.39 7.85 14.61
N ASN A 193 0.04 6.61 14.83
CA ASN A 193 0.59 5.77 13.76
C ASN A 193 -0.53 4.88 13.25
N ILE A 194 -0.67 4.80 11.93
CA ILE A 194 -1.74 4.03 11.31
C ILE A 194 -1.14 2.87 10.53
N ASN A 195 -1.73 1.68 10.68
CA ASN A 195 -1.32 0.55 9.87
C ASN A 195 -1.40 0.91 8.39
N ALA A 196 -0.33 0.60 7.66
CA ALA A 196 -0.20 1.10 6.29
C ALA A 196 -1.16 0.41 5.33
N ASP A 197 -1.39 -0.89 5.53
CA ASP A 197 -2.31 -1.62 4.67
C ASP A 197 -3.71 -1.02 4.74
N THR A 198 -4.21 -0.81 5.95
CA THR A 198 -5.56 -0.26 6.07
C THR A 198 -5.61 1.21 5.67
N ALA A 199 -4.52 1.96 5.87
CA ALA A 199 -4.52 3.34 5.41
C ALA A 199 -4.57 3.40 3.90
N ALA A 200 -3.93 2.44 3.21
CA ALA A 200 -4.01 2.41 1.76
C ALA A 200 -5.46 2.23 1.33
N ALA A 201 -6.15 1.26 1.94
CA ALA A 201 -7.57 1.05 1.66
C ALA A 201 -8.39 2.32 1.87
N ALA A 202 -8.12 3.07 2.94
CA ALA A 202 -8.96 4.26 3.19
C ALA A 202 -8.65 5.37 2.19
N VAL A 203 -7.38 5.54 1.82
CA VAL A 203 -7.02 6.54 0.81
C VAL A 203 -7.66 6.18 -0.53
N ALA A 204 -7.56 4.91 -0.93
CA ALA A 204 -8.14 4.48 -2.20
C ALA A 204 -9.63 4.81 -2.25
N GLU A 205 -10.35 4.50 -1.18
CA GLU A 205 -11.79 4.76 -1.16
C GLU A 205 -12.09 6.26 -1.19
N ALA A 206 -11.31 7.06 -0.46
CA ALA A 206 -11.61 8.49 -0.40
C ALA A 206 -11.33 9.19 -1.73
N LEU A 207 -10.28 8.77 -2.44
CA LEU A 207 -9.91 9.40 -3.69
C LEU A 207 -10.67 8.88 -4.90
N GLY A 208 -11.60 7.94 -4.72
CA GLY A 208 -12.21 7.31 -5.88
C GLY A 208 -11.19 6.67 -6.80
N ALA A 209 -10.25 5.92 -6.23
CA ALA A 209 -9.25 5.26 -7.05
C ALA A 209 -9.91 4.24 -7.98
N GLU A 210 -9.26 3.97 -9.11
CA GLU A 210 -9.73 2.89 -9.95
C GLU A 210 -9.24 1.52 -9.46
N LYS A 211 -8.01 1.46 -8.94
CA LYS A 211 -7.44 0.20 -8.46
C LYS A 211 -6.68 0.46 -7.16
N LEU A 212 -6.79 -0.49 -6.23
CA LEU A 212 -5.86 -0.62 -5.12
C LEU A 212 -4.90 -1.77 -5.43
N LEU A 213 -3.60 -1.47 -5.43
CA LEU A 213 -2.53 -2.46 -5.55
C LEU A 213 -1.88 -2.65 -4.18
N MET A 214 -1.81 -3.91 -3.72
CA MET A 214 -1.22 -4.29 -2.42
C MET A 214 -0.01 -5.19 -2.66
N LEU A 215 1.19 -4.60 -2.62
CA LEU A 215 2.40 -5.42 -2.80
C LEU A 215 2.64 -6.25 -1.55
N THR A 216 2.75 -7.56 -1.73
CA THR A 216 2.91 -8.51 -0.64
C THR A 216 3.93 -9.57 -1.07
N ASP A 217 4.51 -10.26 -0.10
CA ASP A 217 5.56 -11.24 -0.38
C ASP A 217 5.00 -12.65 -0.58
N ILE A 218 4.01 -12.80 -1.47
CA ILE A 218 3.43 -14.10 -1.78
C ILE A 218 2.91 -14.07 -3.21
N ASP A 219 2.84 -15.24 -3.84
CA ASP A 219 2.34 -15.32 -5.22
C ASP A 219 0.94 -14.73 -5.32
N GLY A 220 0.12 -14.96 -4.30
CA GLY A 220 -1.25 -14.52 -4.30
C GLY A 220 -2.02 -15.29 -3.25
N LEU A 221 -3.33 -15.12 -3.27
CA LEU A 221 -4.19 -15.70 -2.26
C LEU A 221 -4.34 -17.20 -2.49
N TYR A 222 -4.10 -17.96 -1.42
CA TYR A 222 -4.32 -19.41 -1.42
C TYR A 222 -5.56 -19.71 -0.59
N THR A 223 -6.54 -20.37 -1.21
CA THR A 223 -7.69 -20.89 -0.46
C THR A 223 -7.22 -21.73 0.73
N ARG A 224 -6.52 -22.83 0.43
CA ARG A 224 -6.14 -23.83 1.41
C ARG A 224 -4.61 -23.95 1.42
N TRP A 225 -3.93 -22.91 1.91
CA TRP A 225 -2.47 -22.99 2.05
C TRP A 225 -2.11 -24.18 2.92
N PRO A 226 -1.10 -24.97 2.51
CA PRO A 226 -0.28 -24.73 1.32
C PRO A 226 -0.57 -25.63 0.10
N ASP A 227 -1.83 -26.02 -0.14
CA ASP A 227 -2.16 -26.68 -1.39
C ASP A 227 -1.84 -25.75 -2.56
N ARG A 228 -0.98 -26.21 -3.47
CA ARG A 228 -0.63 -25.39 -4.62
C ARG A 228 -1.84 -25.17 -5.53
N ASP A 229 -2.64 -26.22 -5.74
CA ASP A 229 -3.79 -26.16 -6.63
C ASP A 229 -4.95 -25.39 -6.00
N SER A 230 -4.62 -24.41 -5.14
CA SER A 230 -5.63 -23.62 -4.39
C SER A 230 -5.44 -22.12 -4.59
N LEU A 231 -4.40 -21.74 -5.33
CA LEU A 231 -4.17 -20.29 -5.62
C LEU A 231 -5.32 -19.79 -6.50
N VAL A 232 -5.97 -18.70 -6.08
CA VAL A 232 -7.11 -18.14 -6.86
C VAL A 232 -6.62 -16.99 -7.74
N SER A 233 -7.32 -16.72 -8.86
CA SER A 233 -7.00 -15.60 -9.72
C SER A 233 -7.90 -14.39 -9.46
N GLU A 234 -9.14 -14.64 -9.06
CA GLU A 234 -10.11 -13.58 -8.83
C GLU A 234 -11.10 -14.09 -7.78
N ILE A 235 -11.68 -13.17 -7.01
CA ILE A 235 -12.64 -13.56 -5.98
C ILE A 235 -13.46 -12.33 -5.61
N ASP A 236 -14.72 -12.56 -5.21
CA ASP A 236 -15.59 -11.48 -4.80
C ASP A 236 -15.52 -11.25 -3.28
N THR A 237 -16.01 -10.09 -2.86
CA THR A 237 -15.91 -9.71 -1.44
C THR A 237 -16.72 -10.65 -0.56
N GLY A 238 -17.92 -11.03 -0.99
CA GLY A 238 -18.73 -11.91 -0.17
C GLY A 238 -18.04 -13.22 0.12
N THR A 239 -17.49 -13.84 -0.93
CA THR A 239 -16.70 -15.05 -0.74
C THR A 239 -15.45 -14.73 0.05
N LEU A 240 -14.88 -13.53 -0.15
CA LEU A 240 -13.68 -13.18 0.58
C LEU A 240 -13.99 -12.85 2.04
N ALA A 241 -15.24 -12.57 2.39
CA ALA A 241 -15.56 -12.40 3.80
C ALA A 241 -15.54 -13.75 4.51
N GLN A 242 -16.29 -14.71 3.96
CA GLN A 242 -16.45 -16.00 4.62
C GLN A 242 -15.16 -16.82 4.70
N LEU A 243 -14.14 -16.58 3.88
CA LEU A 243 -12.89 -17.30 4.12
C LEU A 243 -11.87 -16.54 4.95
N LEU A 244 -12.09 -15.26 5.25
CA LEU A 244 -11.15 -14.50 6.06
C LEU A 244 -10.73 -15.17 7.36
N PRO A 245 -11.63 -15.77 8.18
CA PRO A 245 -11.18 -16.37 9.45
C PRO A 245 -10.21 -17.54 9.31
N THR A 246 -9.80 -17.91 8.09
CA THR A 246 -9.03 -19.13 7.89
C THR A 246 -7.56 -18.92 7.52
N LEU A 247 -7.14 -17.69 7.23
CA LEU A 247 -5.86 -17.44 6.59
C LEU A 247 -4.74 -17.15 7.59
N GLU A 248 -3.50 -17.28 7.11
CA GLU A 248 -2.32 -16.98 7.91
C GLU A 248 -2.37 -15.54 8.43
N SER A 249 -1.69 -15.30 9.56
CA SER A 249 -1.77 -14.00 10.21
C SER A 249 -1.33 -12.87 9.27
N GLY A 250 -0.28 -13.11 8.48
CA GLY A 250 0.26 -12.06 7.63
C GLY A 250 -0.69 -11.58 6.54
N MET A 251 -1.63 -12.42 6.12
CA MET A 251 -2.52 -12.06 5.02
C MET A 251 -3.77 -11.32 5.48
N VAL A 252 -4.12 -11.40 6.76
CA VAL A 252 -5.36 -10.78 7.24
C VAL A 252 -5.39 -9.28 6.97
N PRO A 253 -4.37 -8.49 7.33
CA PRO A 253 -4.46 -7.05 7.03
C PRO A 253 -4.53 -6.73 5.54
N LYS A 254 -3.80 -7.49 4.72
CA LYS A 254 -3.85 -7.25 3.28
C LYS A 254 -5.25 -7.55 2.72
N VAL A 255 -5.94 -8.56 3.25
CA VAL A 255 -7.26 -8.96 2.76
C VAL A 255 -8.35 -8.06 3.31
N GLU A 256 -8.27 -7.71 4.60
CA GLU A 256 -9.19 -6.73 5.15
C GLU A 256 -9.11 -5.42 4.40
N ALA A 257 -7.92 -5.05 3.94
CA ALA A 257 -7.78 -3.82 3.16
C ALA A 257 -8.56 -3.93 1.87
N CYS A 258 -8.41 -5.05 1.18
CA CYS A 258 -9.07 -5.22 -0.12
C CYS A 258 -10.58 -5.21 0.04
N LEU A 259 -11.09 -5.81 1.12
CA LEU A 259 -12.53 -5.80 1.39
C LEU A 259 -13.04 -4.40 1.68
N ARG A 260 -12.38 -3.72 2.62
CA ARG A 260 -12.77 -2.37 2.99
C ARG A 260 -12.71 -1.43 1.79
N ALA A 261 -11.81 -1.68 0.83
CA ALA A 261 -11.72 -0.83 -0.35
C ALA A 261 -12.83 -1.15 -1.35
N VAL A 262 -12.95 -2.43 -1.71
CA VAL A 262 -13.88 -2.81 -2.77
C VAL A 262 -15.32 -2.61 -2.31
N ILE A 263 -15.62 -2.93 -1.05
CA ILE A 263 -16.95 -2.60 -0.54
C ILE A 263 -17.17 -1.10 -0.59
N GLY A 264 -16.12 -0.31 -0.38
CA GLY A 264 -16.22 1.13 -0.43
C GLY A 264 -16.28 1.74 -1.81
N GLY A 265 -16.36 0.93 -2.87
CA GLY A 265 -16.61 1.43 -4.21
C GLY A 265 -15.42 1.38 -5.14
N VAL A 266 -14.24 0.98 -4.66
CA VAL A 266 -13.08 0.85 -5.54
C VAL A 266 -13.30 -0.35 -6.45
N PRO A 267 -13.30 -0.15 -7.78
CA PRO A 267 -13.64 -1.24 -8.70
C PRO A 267 -12.89 -2.54 -8.47
N SER A 268 -11.57 -2.51 -8.23
CA SER A 268 -10.88 -3.74 -7.90
C SER A 268 -9.67 -3.44 -7.02
N ALA A 269 -9.43 -4.34 -6.06
CA ALA A 269 -8.21 -4.36 -5.26
C ALA A 269 -7.41 -5.59 -5.65
N HIS A 270 -6.09 -5.45 -5.68
CA HIS A 270 -5.26 -6.54 -6.14
C HIS A 270 -4.17 -6.86 -5.12
N ILE A 271 -3.99 -8.13 -4.87
CA ILE A 271 -2.87 -8.62 -4.07
C ILE A 271 -1.86 -9.19 -5.04
N ILE A 272 -0.74 -8.48 -5.24
CA ILE A 272 0.28 -8.90 -6.19
C ILE A 272 1.59 -9.19 -5.46
N ASP A 273 2.47 -9.92 -6.13
CA ASP A 273 3.73 -10.36 -5.52
C ASP A 273 4.83 -9.30 -5.69
N GLY A 274 5.27 -8.70 -4.58
CA GLY A 274 6.31 -7.70 -4.66
C GLY A 274 7.71 -8.26 -4.88
N ARG A 275 7.86 -9.58 -4.87
CA ARG A 275 9.16 -10.17 -5.17
C ARG A 275 9.44 -10.22 -6.66
N VAL A 276 8.44 -9.92 -7.49
CA VAL A 276 8.56 -9.93 -8.93
C VAL A 276 8.98 -8.54 -9.41
N THR A 277 10.08 -8.48 -10.16
CA THR A 277 10.52 -7.24 -10.78
C THR A 277 9.43 -6.66 -11.65
N HIS A 278 9.14 -5.38 -11.42
CA HIS A 278 8.11 -4.62 -12.15
C HIS A 278 6.73 -5.24 -12.00
N CYS A 279 6.43 -5.77 -10.80
CA CYS A 279 5.12 -6.38 -10.59
C CYS A 279 4.00 -5.43 -10.97
N VAL A 280 4.14 -4.15 -10.67
CA VAL A 280 3.11 -3.17 -10.99
C VAL A 280 2.86 -3.13 -12.49
N LEU A 281 3.92 -3.05 -13.30
CA LEU A 281 3.71 -3.06 -14.75
C LEU A 281 3.00 -4.33 -15.21
N VAL A 282 3.35 -5.49 -14.63
CA VAL A 282 2.74 -6.71 -15.15
C VAL A 282 1.30 -6.81 -14.68
N GLU A 283 0.99 -6.34 -13.47
CA GLU A 283 -0.40 -6.42 -13.02
C GLU A 283 -1.30 -5.46 -13.80
N LEU A 284 -0.81 -4.27 -14.14
CA LEU A 284 -1.66 -3.26 -14.77
C LEU A 284 -1.77 -3.43 -16.28
N PHE A 285 -0.69 -3.82 -16.96
CA PHE A 285 -0.62 -3.74 -18.41
C PHE A 285 -0.50 -5.10 -19.09
N THR A 286 -0.76 -6.18 -18.37
CA THR A 286 -0.54 -7.53 -18.86
C THR A 286 -1.63 -8.41 -18.27
N ASP A 287 -2.05 -9.43 -19.02
CA ASP A 287 -3.02 -10.38 -18.47
C ASP A 287 -2.35 -11.58 -17.82
N ALA A 288 -1.02 -11.64 -17.85
CA ALA A 288 -0.25 -12.74 -17.30
C ALA A 288 0.17 -12.50 -15.86
N GLY A 289 -0.61 -11.72 -15.12
CA GLY A 289 -0.26 -11.45 -13.73
C GLY A 289 -0.49 -12.65 -12.83
N THR A 290 0.31 -12.71 -11.77
CA THR A 290 0.17 -13.72 -10.74
C THR A 290 -0.68 -13.27 -9.56
N GLY A 291 -1.04 -11.99 -9.50
CA GLY A 291 -1.79 -11.49 -8.36
C GLY A 291 -3.18 -12.08 -8.26
N THR A 292 -3.96 -11.70 -7.25
CA THR A 292 -5.38 -12.04 -7.17
C THR A 292 -6.23 -10.78 -7.05
N LYS A 293 -7.30 -10.72 -7.83
CA LYS A 293 -8.13 -9.53 -7.97
C LYS A 293 -9.42 -9.70 -7.16
N VAL A 294 -9.78 -8.66 -6.39
CA VAL A 294 -11.00 -8.67 -5.58
C VAL A 294 -12.01 -7.69 -6.18
N VAL A 295 -13.21 -8.17 -6.48
CA VAL A 295 -14.31 -7.33 -6.94
C VAL A 295 -15.51 -7.56 -6.02
N ARG A 296 -16.55 -6.73 -6.18
CA ARG A 296 -17.67 -6.85 -5.26
C ARG A 296 -18.64 -7.93 -5.71
N GLY A 297 -19.48 -8.36 -4.77
CA GLY A 297 -20.49 -9.36 -5.04
C GLY A 297 -20.91 -10.15 -3.82
#